data_2VVV
#
_entry.id   2VVV
#
_cell.length_a   48.830
_cell.length_b   74.790
_cell.length_c   77.150
_cell.angle_alpha   90.00
_cell.angle_beta   90.00
_cell.angle_gamma   90.00
#
_symmetry.space_group_name_H-M   'P 21 21 21'
#
loop_
_entity.id
_entity.type
_entity.pdbx_description
1 polymer 'ACTIVATED FACTOR XA HEAVY CHAIN'
2 polymer 'FACTOR X LIGHT CHAIN'
3 non-polymer 5-chloro-N-[1-(2-{[2-fluoro-4-(2-oxopyridin-1(2H)-yl)phenyl]amino}-2-oxoethyl)-1H-1,2,4-triazol-3-yl]thiophene-2-carboxamide
4 non-polymer 'CALCIUM ION'
5 non-polymer 'SODIUM ION'
6 water water
#
loop_
_entity_poly.entity_id
_entity_poly.type
_entity_poly.pdbx_seq_one_letter_code
_entity_poly.pdbx_strand_id
1 'polypeptide(L)'
;IVGGQECKDGECPWQALLINEENEGFCGGTILSEFYILTAAHCLYQAKRFKVRVGDRNTEQEEGGEAVHEVEVVIKHNRF
TKETYDFDIAVLRLKTPITFRMNVAPACLPERDWAESTLMTQKTGIVSGFGRTHEKGEQSTRLKMLEVPYVDRNSCKLSS
SFIITQNMFCAGYDTKQEDACQGDSGGPHVTRFKDTYFVTGIVSWGEGCARKGKYGIYTKVTAFLKWIDRSMKTRGLPKA
K
;
A
2 'polypeptide(L)' RKLCSLDNGDCDQFCHEEQNSVVCSCARGYTLADNGKACIPTGPYPCGKQTLERR L
#
# COMPACT_ATOMS: atom_id res chain seq x y z
N ILE A 1 5.50 -5.64 11.60
CA ILE A 1 6.21 -4.35 11.78
C ILE A 1 7.13 -4.31 13.01
N VAL A 2 8.42 -4.10 12.76
CA VAL A 2 9.42 -3.95 13.81
C VAL A 2 9.52 -2.47 14.11
N GLY A 3 9.36 -2.09 15.38
CA GLY A 3 9.30 -0.68 15.75
C GLY A 3 7.99 -0.03 15.32
N GLY A 4 8.03 1.25 14.95
CA GLY A 4 6.85 1.95 14.51
C GLY A 4 5.87 2.13 15.66
N GLN A 5 4.58 2.16 15.34
CA GLN A 5 3.58 2.43 16.37
C GLN A 5 2.29 1.74 16.00
N GLU A 6 1.41 1.58 16.97
CA GLU A 6 0.09 1.09 16.66
C GLU A 6 -0.59 2.13 15.83
N CYS A 7 -1.29 1.67 14.79
CA CYS A 7 -2.00 2.60 13.94
C CYS A 7 -3.22 3.14 14.69
N LYS A 8 -3.35 4.46 14.72
CA LYS A 8 -4.47 5.06 15.45
C LYS A 8 -5.80 4.79 14.77
N ASP A 9 -6.87 4.96 15.53
CA ASP A 9 -8.21 4.75 15.00
C ASP A 9 -8.40 5.54 13.69
N GLY A 10 -8.84 4.85 12.65
CA GLY A 10 -9.13 5.51 11.39
C GLY A 10 -7.94 5.88 10.52
N GLU A 11 -6.74 5.55 10.95
CA GLU A 11 -5.56 6.07 10.26
C GLU A 11 -4.93 5.10 9.27
N CYS A 12 -5.42 3.87 9.28
CA CYS A 12 -4.94 2.87 8.35
C CYS A 12 -6.11 2.13 7.71
N PRO A 13 -7.09 2.88 7.18
CA PRO A 13 -8.35 2.24 6.79
C PRO A 13 -8.29 1.37 5.53
N TRP A 14 -7.22 1.50 4.75
CA TRP A 14 -7.01 0.69 3.52
C TRP A 14 -6.34 -0.64 3.82
N GLN A 15 -6.00 -0.89 5.07
CA GLN A 15 -5.37 -2.17 5.38
C GLN A 15 -6.34 -3.32 5.25
N ALA A 16 -5.93 -4.37 4.53
CA ALA A 16 -6.67 -5.64 4.52
C ALA A 16 -5.78 -6.74 5.07
N LEU A 17 -6.38 -7.84 5.52
CA LEU A 17 -5.62 -8.95 6.07
C LEU A 17 -6.13 -10.23 5.42
N LEU A 18 -5.21 -11.00 4.83
CA LEU A 18 -5.58 -12.29 4.24
C LEU A 18 -5.51 -13.34 5.33
N ILE A 19 -6.57 -14.14 5.45
CA ILE A 19 -6.71 -15.07 6.58
C ILE A 19 -6.77 -16.51 6.09
N ASN A 20 -5.87 -17.37 6.60
CA ASN A 20 -5.72 -18.74 6.09
C ASN A 20 -6.62 -19.77 6.72
N GLU A 21 -6.29 -21.04 6.46
CA GLU A 21 -7.08 -22.18 6.94
C GLU A 21 -6.90 -22.49 8.42
N GLU A 22 -5.85 -21.95 9.03
CA GLU A 22 -5.72 -22.01 10.47
C GLU A 22 -6.41 -20.79 11.09
N ASN A 23 -7.10 -20.04 10.23
CA ASN A 23 -7.86 -18.85 10.61
C ASN A 23 -6.94 -17.67 10.93
N GLU A 24 -5.64 -17.87 10.72
CA GLU A 24 -4.64 -16.88 11.04
C GLU A 24 -4.34 -15.94 9.88
N GLY A 25 -3.98 -14.70 10.20
CA GLY A 25 -3.49 -13.78 9.18
C GLY A 25 -2.10 -14.21 8.76
N PHE A 26 -1.84 -14.21 7.46
CA PHE A 26 -0.54 -14.60 6.94
C PHE A 26 0.03 -13.58 5.95
N CYS A 27 -0.79 -12.62 5.53
CA CYS A 27 -0.35 -11.54 4.62
C CYS A 27 -1.30 -10.36 4.73
N GLY A 28 -0.85 -9.21 4.26
CA GLY A 28 -1.73 -8.05 4.17
C GLY A 28 -2.25 -7.86 2.76
N GLY A 29 -3.08 -6.85 2.57
CA GLY A 29 -3.51 -6.36 1.25
C GLY A 29 -3.82 -4.90 1.38
N THR A 30 -4.11 -4.24 0.26
CA THR A 30 -4.57 -2.84 0.28
C THR A 30 -5.92 -2.75 -0.38
N ILE A 31 -6.88 -2.05 0.25
CA ILE A 31 -8.19 -1.86 -0.35
C ILE A 31 -8.08 -0.86 -1.48
N LEU A 32 -8.45 -1.28 -2.69
CA LEU A 32 -8.43 -0.35 -3.84
C LEU A 32 -9.81 0.18 -4.20
N SER A 33 -10.84 -0.63 -3.98
CA SER A 33 -12.20 -0.21 -4.28
C SER A 33 -13.15 -1.18 -3.56
N GLU A 34 -14.44 -1.08 -3.81
CA GLU A 34 -15.37 -1.93 -3.06
C GLU A 34 -15.14 -3.43 -3.36
N PHE A 35 -14.65 -3.71 -4.56
CA PHE A 35 -14.49 -5.10 -5.02
C PHE A 35 -13.03 -5.59 -5.13
N TYR A 36 -12.04 -4.70 -5.07
CA TYR A 36 -10.66 -5.11 -5.37
C TYR A 36 -9.63 -4.87 -4.26
N ILE A 37 -8.79 -5.86 -4.04
CA ILE A 37 -7.75 -5.82 -3.02
C ILE A 37 -6.43 -5.99 -3.75
N LEU A 38 -5.46 -5.17 -3.39
CA LEU A 38 -4.11 -5.33 -3.89
C LEU A 38 -3.27 -6.17 -2.92
N THR A 39 -2.49 -7.12 -3.44
CA THR A 39 -1.61 -7.92 -2.59
C THR A 39 -0.38 -8.37 -3.36
N ALA A 40 0.45 -9.19 -2.72
CA ALA A 40 1.66 -9.71 -3.36
C ALA A 40 1.36 -11.08 -3.95
N ALA A 41 1.80 -11.33 -5.17
CA ALA A 41 1.65 -12.64 -5.81
C ALA A 41 2.18 -13.79 -4.94
N HIS A 42 3.33 -13.56 -4.30
CA HIS A 42 3.95 -14.62 -3.49
C HIS A 42 3.07 -15.07 -2.33
N CYS A 43 2.19 -14.20 -1.84
CA CYS A 43 1.25 -14.58 -0.77
C CYS A 43 0.29 -15.70 -1.19
N LEU A 44 0.12 -15.85 -2.50
CA LEU A 44 -0.87 -16.79 -3.00
C LEU A 44 -0.37 -18.23 -2.83
N TYR A 45 0.94 -18.38 -2.66
CA TYR A 45 1.56 -19.71 -2.52
C TYR A 45 1.68 -20.13 -1.07
N GLN A 46 1.20 -19.29 -0.16
CA GLN A 46 1.39 -19.54 1.26
C GLN A 46 0.15 -20.09 1.94
N ALA A 47 -0.97 -19.99 1.23
CA ALA A 47 -2.20 -20.66 1.64
C ALA A 47 -2.95 -21.16 0.40
N LYS A 48 -3.51 -22.37 0.47
CA LYS A 48 -4.33 -22.89 -0.63
C LYS A 48 -5.70 -22.23 -0.65
N ARG A 49 -6.25 -21.98 0.53
CA ARG A 49 -7.52 -21.28 0.62
C ARG A 49 -7.42 -20.12 1.63
N PHE A 50 -8.05 -18.99 1.33
CA PHE A 50 -8.00 -17.81 2.22
C PHE A 50 -9.16 -16.82 1.98
N LYS A 51 -9.42 -15.96 2.96
CA LYS A 51 -10.42 -14.91 2.81
C LYS A 51 -9.75 -13.57 3.13
N VAL A 52 -10.50 -12.48 3.01
CA VAL A 52 -9.95 -11.14 3.28
C VAL A 52 -10.76 -10.44 4.36
N ARG A 53 -10.07 -10.00 5.41
CA ARG A 53 -10.75 -9.23 6.46
C ARG A 53 -10.40 -7.74 6.36
N VAL A 54 -11.41 -6.90 6.51
CA VAL A 54 -11.17 -5.47 6.51
C VAL A 54 -11.74 -4.87 7.77
N GLY A 55 -11.27 -3.68 8.12
CA GLY A 55 -11.86 -2.93 9.22
C GLY A 55 -11.48 -3.46 10.59
N ASP A 56 -10.38 -4.20 10.63
CA ASP A 56 -9.89 -4.79 11.87
C ASP A 56 -8.65 -4.05 12.32
N ARG A 57 -8.52 -3.86 13.64
CA ARG A 57 -7.35 -3.21 14.22
C ARG A 57 -6.75 -4.10 15.31
N ASN A 58 -7.57 -5.03 15.77
CA ASN A 58 -7.18 -5.88 16.89
C ASN A 58 -7.77 -7.26 16.68
N THR A 59 -6.92 -8.23 16.37
CA THR A 59 -7.42 -9.55 16.00
C THR A 59 -7.95 -10.37 17.19
N GLU A 60 -7.76 -9.85 18.40
CA GLU A 60 -8.27 -10.54 19.59
C GLU A 60 -9.53 -9.92 20.16
N GLN A 61 -10.07 -8.90 19.49
CA GLN A 61 -11.18 -8.14 20.06
C GLN A 61 -12.21 -7.88 18.97
N GLU A 62 -13.45 -8.32 19.18
CA GLU A 62 -14.51 -7.99 18.22
C GLU A 62 -15.03 -6.56 18.46
N GLU A 63 -14.56 -5.62 17.64
CA GLU A 63 -14.96 -4.20 17.74
C GLU A 63 -16.38 -3.99 17.25
N GLY A 64 -16.74 -4.75 16.22
CA GLY A 64 -18.09 -4.67 15.67
C GLY A 64 -18.07 -4.16 14.24
N GLY A 65 -16.95 -3.57 13.82
CA GLY A 65 -16.86 -2.97 12.48
C GLY A 65 -16.17 -3.84 11.44
N GLU A 66 -15.72 -5.01 11.86
CA GLU A 66 -14.96 -5.89 10.99
C GLU A 66 -15.85 -6.66 9.99
N ALA A 67 -15.29 -7.00 8.84
CA ALA A 67 -15.99 -7.81 7.86
C ALA A 67 -15.05 -8.76 7.14
N VAL A 68 -15.52 -9.97 6.87
CA VAL A 68 -14.75 -10.95 6.11
C VAL A 68 -15.43 -11.14 4.76
N HIS A 69 -14.63 -11.06 3.70
CA HIS A 69 -15.11 -11.20 2.34
C HIS A 69 -14.42 -12.37 1.65
N GLU A 70 -15.20 -13.14 0.87
CA GLU A 70 -14.63 -14.23 0.11
C GLU A 70 -14.09 -13.71 -1.20
N VAL A 71 -13.08 -14.42 -1.72
CA VAL A 71 -12.45 -14.06 -2.97
C VAL A 71 -13.17 -14.74 -4.12
N GLU A 72 -13.53 -13.97 -5.13
CA GLU A 72 -14.16 -14.54 -6.30
C GLU A 72 -13.16 -14.87 -7.41
N VAL A 73 -12.23 -13.95 -7.65
CA VAL A 73 -11.21 -14.15 -8.68
C VAL A 73 -9.85 -13.75 -8.14
N VAL A 74 -8.84 -14.56 -8.46
CA VAL A 74 -7.46 -14.16 -8.19
C VAL A 74 -6.81 -13.74 -9.51
N ILE A 75 -6.26 -12.53 -9.55
CA ILE A 75 -5.51 -12.10 -10.72
C ILE A 75 -4.04 -11.89 -10.36
N LYS A 76 -3.24 -12.92 -10.63
CA LYS A 76 -1.80 -12.93 -10.34
C LYS A 76 -1.04 -12.42 -11.55
N HIS A 77 0.04 -11.68 -11.33
CA HIS A 77 0.82 -11.24 -12.47
C HIS A 77 1.42 -12.44 -13.16
N ASN A 78 1.26 -12.50 -14.47
CA ASN A 78 1.72 -13.67 -15.20
C ASN A 78 3.23 -13.86 -15.24
N ARG A 79 3.98 -12.83 -14.88
CA ARG A 79 5.43 -12.90 -14.93
C ARG A 79 6.03 -13.12 -13.53
N PHE A 80 5.21 -13.16 -12.48
CA PHE A 80 5.74 -13.51 -11.17
C PHE A 80 6.34 -14.89 -11.17
N THR A 81 7.48 -15.01 -10.51
CA THR A 81 8.07 -16.29 -10.24
C THR A 81 8.80 -16.26 -8.93
N LYS A 82 8.74 -17.37 -8.22
CA LYS A 82 9.34 -17.46 -6.90
C LYS A 82 10.87 -17.43 -6.97
N GLU A 83 11.44 -17.69 -8.15
CA GLU A 83 12.88 -17.74 -8.28
C GLU A 83 13.52 -16.36 -8.27
N THR A 84 12.75 -15.35 -8.68
CA THR A 84 13.22 -13.98 -8.82
C THR A 84 12.47 -13.02 -7.91
N TYR A 85 11.28 -13.43 -7.50
CA TYR A 85 10.35 -12.54 -6.74
C TYR A 85 9.98 -11.30 -7.51
N ASP A 86 10.30 -11.31 -8.80
CA ASP A 86 9.97 -10.20 -9.69
C ASP A 86 8.48 -10.20 -9.97
N PHE A 87 7.91 -9.03 -10.28
CA PHE A 87 6.48 -8.91 -10.61
C PHE A 87 5.60 -9.40 -9.44
N ASP A 88 5.98 -9.04 -8.23
CA ASP A 88 5.33 -9.59 -7.05
C ASP A 88 4.07 -8.79 -6.76
N ILE A 89 3.04 -9.09 -7.54
CA ILE A 89 1.79 -8.33 -7.48
C ILE A 89 0.59 -9.19 -7.89
N ALA A 90 -0.52 -9.00 -7.17
CA ALA A 90 -1.79 -9.64 -7.54
C ALA A 90 -2.94 -8.77 -7.11
N VAL A 91 -4.03 -8.87 -7.86
CA VAL A 91 -5.28 -8.24 -7.47
C VAL A 91 -6.30 -9.32 -7.14
N LEU A 92 -7.09 -9.09 -6.10
CA LEU A 92 -8.20 -9.99 -5.78
C LEU A 92 -9.52 -9.30 -6.06
N ARG A 93 -10.47 -10.02 -6.68
CA ARG A 93 -11.82 -9.50 -6.78
C ARG A 93 -12.64 -10.26 -5.74
N LEU A 94 -13.40 -9.52 -4.95
CA LEU A 94 -14.17 -10.11 -3.87
C LEU A 94 -15.55 -10.55 -4.37
N LYS A 95 -16.14 -11.55 -3.70
CA LYS A 95 -17.43 -12.07 -4.14
C LYS A 95 -18.54 -11.08 -3.84
N THR A 96 -18.37 -10.36 -2.73
CA THR A 96 -19.32 -9.35 -2.27
C THR A 96 -18.58 -8.04 -1.98
N PRO A 97 -19.23 -6.89 -2.26
CA PRO A 97 -18.53 -5.60 -2.10
C PRO A 97 -18.31 -5.13 -0.66
N ILE A 98 -17.21 -4.40 -0.45
CA ILE A 98 -16.97 -3.76 0.83
C ILE A 98 -17.86 -2.53 0.98
N THR A 99 -18.39 -2.33 2.20
CA THR A 99 -19.09 -1.11 2.55
C THR A 99 -18.10 -0.22 3.27
N PHE A 100 -17.76 0.93 2.67
CA PHE A 100 -16.78 1.81 3.31
C PHE A 100 -17.41 2.42 4.56
N ARG A 101 -16.59 2.58 5.60
CA ARG A 101 -17.04 2.99 6.91
C ARG A 101 -15.84 3.33 7.77
N MET A 102 -16.03 3.57 9.06
CA MET A 102 -14.89 3.79 9.94
C MET A 102 -13.88 2.63 9.78
N ASN A 103 -12.61 2.98 9.50
CA ASN A 103 -11.52 1.99 9.39
C ASN A 103 -11.55 1.14 8.15
N VAL A 104 -12.39 1.51 7.18
CA VAL A 104 -12.53 0.78 5.89
C VAL A 104 -12.70 1.78 4.75
N ALA A 105 -11.62 2.06 4.03
CA ALA A 105 -11.66 3.01 2.93
C ALA A 105 -10.49 2.66 2.00
N PRO A 106 -10.61 2.98 0.70
CA PRO A 106 -9.57 2.58 -0.22
C PRO A 106 -8.41 3.58 -0.24
N ALA A 107 -7.21 3.10 -0.59
CA ALA A 107 -6.11 4.02 -0.84
C ALA A 107 -6.20 4.48 -2.30
N CYS A 108 -5.68 5.65 -2.65
CA CYS A 108 -5.72 6.12 -4.05
C CYS A 108 -4.64 5.50 -4.93
N LEU A 109 -5.00 5.20 -6.17
CA LEU A 109 -4.01 4.92 -7.19
C LEU A 109 -3.63 6.22 -7.86
N PRO A 110 -2.34 6.53 -7.88
CA PRO A 110 -1.84 7.75 -8.50
C PRO A 110 -1.62 7.56 -9.99
N GLU A 111 -1.56 8.66 -10.72
CA GLU A 111 -1.11 8.65 -12.12
C GLU A 111 0.39 8.40 -12.12
N ARG A 112 0.89 7.60 -13.07
CA ARG A 112 2.28 7.12 -13.02
C ARG A 112 3.35 8.21 -13.06
N ASP A 113 3.26 9.10 -14.06
CA ASP A 113 4.31 10.11 -14.18
C ASP A 113 4.41 10.99 -12.96
N TRP A 114 3.27 11.45 -12.46
CA TRP A 114 3.23 12.26 -11.25
C TRP A 114 3.71 11.46 -10.04
N ALA A 115 3.34 10.19 -9.97
CA ALA A 115 3.81 9.36 -8.85
C ALA A 115 5.35 9.30 -8.84
N GLU A 116 5.93 9.14 -10.01
CA GLU A 116 7.39 9.04 -10.11
C GLU A 116 8.08 10.34 -9.75
N SER A 117 7.53 11.44 -10.24
CA SER A 117 8.15 12.75 -9.99
C SER A 117 7.88 13.37 -8.63
N THR A 118 6.83 12.93 -7.94
CA THR A 118 6.30 13.62 -6.79
C THR A 118 6.12 12.73 -5.56
N LEU A 119 5.78 11.46 -5.77
CA LEU A 119 5.55 10.60 -4.61
C LEU A 119 6.84 9.89 -4.28
N MET A 120 7.46 9.30 -5.30
CA MET A 120 8.66 8.49 -5.10
C MET A 120 9.85 9.35 -4.72
N THR A 121 9.71 10.67 -4.89
CA THR A 121 10.75 11.62 -4.53
C THR A 121 10.54 12.22 -3.16
N GLN A 122 9.55 11.71 -2.42
CA GLN A 122 9.35 12.15 -1.05
C GLN A 122 10.41 11.51 -0.17
N LYS A 123 10.64 12.10 1.00
CA LYS A 123 11.60 11.51 1.94
C LYS A 123 11.13 10.14 2.44
N THR A 124 9.84 9.99 2.70
CA THR A 124 9.32 8.75 3.35
C THR A 124 7.99 8.29 2.79
N GLY A 125 7.66 7.05 3.12
CA GLY A 125 6.39 6.43 2.83
C GLY A 125 5.97 5.73 4.12
N ILE A 126 4.79 5.12 4.12
N ILE A 126 4.78 5.14 4.14
CA ILE A 126 4.25 4.49 5.32
CA ILE A 126 4.28 4.48 5.35
C ILE A 126 3.89 3.04 5.04
C ILE A 126 3.89 3.05 5.04
N VAL A 127 4.42 2.10 5.84
CA VAL A 127 4.07 0.71 5.68
C VAL A 127 3.27 0.25 6.90
N SER A 128 2.34 -0.67 6.73
CA SER A 128 1.54 -1.11 7.87
C SER A 128 1.25 -2.59 7.80
N GLY A 129 0.90 -3.16 8.95
CA GLY A 129 0.48 -4.54 8.97
C GLY A 129 0.42 -5.19 10.32
N PHE A 130 0.10 -6.48 10.31
CA PHE A 130 -0.04 -7.27 11.55
C PHE A 130 1.08 -8.29 11.63
N GLY A 131 2.19 -8.02 10.93
CA GLY A 131 3.29 -8.97 10.85
C GLY A 131 4.15 -9.01 12.10
N ARG A 132 5.19 -9.82 12.08
CA ARG A 132 6.02 -10.00 13.28
C ARG A 132 6.63 -8.70 13.80
N THR A 133 6.83 -8.63 15.12
CA THR A 133 7.39 -7.44 15.76
C THR A 133 8.89 -7.44 15.91
N HIS A 134 9.50 -8.60 15.64
CA HIS A 134 10.92 -8.67 15.36
C HIS A 134 11.14 -9.90 14.49
N GLU A 135 12.31 -9.99 13.87
CA GLU A 135 12.57 -11.02 12.88
C GLU A 135 12.05 -12.43 13.24
N LYS A 136 12.43 -12.91 14.42
CA LYS A 136 12.11 -14.29 14.81
C LYS A 136 10.88 -14.33 15.68
N GLY A 137 10.18 -13.21 15.76
CA GLY A 137 9.11 -13.04 16.72
C GLY A 137 7.78 -13.54 16.23
N GLU A 138 6.74 -13.21 16.97
CA GLU A 138 5.38 -13.57 16.61
C GLU A 138 4.71 -12.35 15.98
N GLN A 139 3.59 -12.59 15.30
CA GLN A 139 2.83 -11.52 14.66
C GLN A 139 2.13 -10.65 15.69
N SER A 140 1.89 -9.39 15.32
CA SER A 140 1.23 -8.45 16.20
C SER A 140 -0.28 -8.71 16.16
N THR A 141 -0.92 -8.68 17.32
CA THR A 141 -2.37 -8.81 17.35
C THR A 141 -2.99 -7.45 17.03
N ARG A 142 -2.15 -6.42 17.06
CA ARG A 142 -2.64 -5.08 16.77
C ARG A 142 -1.97 -4.49 15.53
N LEU A 143 -2.76 -3.77 14.75
CA LEU A 143 -2.27 -3.21 13.49
C LEU A 143 -1.24 -2.13 13.78
N LYS A 144 -0.08 -2.21 13.13
CA LYS A 144 1.01 -1.27 13.34
C LYS A 144 1.31 -0.54 12.03
N MET A 145 1.90 0.64 12.14
CA MET A 145 2.41 1.33 10.98
C MET A 145 3.80 1.89 11.28
N LEU A 146 4.51 2.27 10.25
CA LEU A 146 5.88 2.68 10.38
C LEU A 146 6.21 3.63 9.23
N GLU A 147 6.83 4.75 9.54
CA GLU A 147 7.38 5.62 8.49
C GLU A 147 8.73 5.06 8.04
N VAL A 148 8.88 4.82 6.74
CA VAL A 148 10.12 4.27 6.22
C VAL A 148 10.69 5.15 5.13
N PRO A 149 11.95 5.56 5.30
CA PRO A 149 12.55 6.41 4.26
C PRO A 149 12.69 5.69 2.94
N TYR A 150 12.49 6.41 1.84
CA TYR A 150 12.87 5.87 0.55
C TYR A 150 14.38 5.72 0.52
N VAL A 151 14.86 4.63 -0.05
CA VAL A 151 16.30 4.36 -0.21
C VAL A 151 16.70 4.31 -1.70
N ASP A 152 17.77 4.98 -2.08
CA ASP A 152 18.10 5.09 -3.50
C ASP A 152 18.45 3.74 -4.08
N ARG A 153 18.18 3.58 -5.36
CA ARG A 153 18.32 2.30 -6.00
C ARG A 153 19.77 1.78 -5.98
N ASN A 154 20.74 2.66 -6.21
CA ASN A 154 22.13 2.20 -6.18
C ASN A 154 22.47 1.62 -4.80
N SER A 155 22.08 2.33 -3.73
CA SER A 155 22.30 1.79 -2.38
C SER A 155 21.56 0.47 -2.19
N CYS A 156 20.33 0.41 -2.70
CA CYS A 156 19.49 -0.78 -2.60
C CYS A 156 20.17 -2.00 -3.25
N LYS A 157 20.63 -1.84 -4.48
CA LYS A 157 21.32 -2.93 -5.15
C LYS A 157 22.55 -3.43 -4.39
N LEU A 158 23.37 -2.50 -3.92
CA LEU A 158 24.62 -2.85 -3.23
C LEU A 158 24.38 -3.65 -1.94
N SER A 159 23.28 -3.35 -1.27
CA SER A 159 22.94 -3.95 0.02
C SER A 159 22.34 -5.35 -0.11
N SER A 160 21.92 -5.70 -1.31
CA SER A 160 21.10 -6.88 -1.49
C SER A 160 21.93 -8.05 -1.98
N SER A 161 21.67 -9.21 -1.40
CA SER A 161 22.31 -10.44 -1.84
C SER A 161 21.52 -11.09 -2.97
N PHE A 162 20.42 -10.45 -3.35
CA PHE A 162 19.58 -10.91 -4.45
C PHE A 162 19.36 -9.77 -5.43
N ILE A 163 18.97 -10.11 -6.66
CA ILE A 163 18.85 -9.09 -7.69
C ILE A 163 17.62 -8.23 -7.42
N ILE A 164 17.85 -6.92 -7.38
CA ILE A 164 16.78 -5.96 -7.29
C ILE A 164 16.42 -5.57 -8.70
N THR A 165 15.24 -5.94 -9.17
CA THR A 165 14.78 -5.53 -10.51
C THR A 165 14.18 -4.11 -10.50
N GLN A 166 13.84 -3.60 -11.68
CA GLN A 166 13.19 -2.30 -11.77
C GLN A 166 11.76 -2.32 -11.23
N ASN A 167 11.26 -3.52 -10.92
CA ASN A 167 9.91 -3.67 -10.36
C ASN A 167 9.92 -3.72 -8.84
N MET A 168 11.09 -3.36 -8.28
CA MET A 168 11.32 -3.38 -6.85
C MET A 168 11.96 -2.10 -6.40
N PHE A 169 11.71 -1.73 -5.15
CA PHE A 169 12.42 -0.61 -4.50
C PHE A 169 12.64 -0.92 -3.03
N CYS A 170 13.66 -0.28 -2.45
CA CYS A 170 14.00 -0.44 -1.03
C CYS A 170 13.43 0.72 -0.25
N ALA A 171 13.08 0.43 0.99
CA ALA A 171 12.69 1.49 1.93
C ALA A 171 13.04 1.00 3.31
N GLY A 172 13.28 1.95 4.21
CA GLY A 172 13.64 1.61 5.57
C GLY A 172 14.96 2.22 5.99
N TYR A 173 15.68 1.47 6.83
CA TYR A 173 16.88 1.99 7.52
C TYR A 173 18.06 1.04 7.43
N ASP A 174 19.24 1.64 7.29
CA ASP A 174 20.48 0.88 7.29
C ASP A 174 20.64 0.10 8.57
N THR A 175 20.72 0.81 9.69
CA THR A 175 20.90 0.11 10.96
C THR A 175 19.79 0.29 11.97
N LYS A 176 19.00 1.36 11.86
CA LYS A 176 17.94 1.58 12.82
C LYS A 176 17.02 0.36 12.80
N GLN A 177 16.69 -0.16 13.97
CA GLN A 177 15.87 -1.38 14.07
C GLN A 177 14.36 -1.12 13.87
N GLU A 178 13.99 -0.72 12.65
CA GLU A 178 12.58 -0.51 12.30
C GLU A 178 12.47 -1.02 10.88
N ASP A 179 11.44 -1.80 10.59
CA ASP A 179 11.26 -2.40 9.26
C ASP A 179 9.89 -3.07 9.20
N ALA A 180 9.42 -3.45 8.02
CA ALA A 180 8.35 -4.44 7.96
C ALA A 180 8.98 -5.80 8.22
N CYS A 181 8.16 -6.85 8.15
CA CYS A 181 8.65 -8.19 8.41
C CYS A 181 7.63 -9.20 7.85
N GLN A 182 7.93 -10.48 8.00
CA GLN A 182 7.00 -11.52 7.53
C GLN A 182 5.66 -11.35 8.21
N GLY A 183 4.56 -11.47 7.45
CA GLY A 183 3.22 -11.25 7.97
C GLY A 183 2.67 -9.91 7.48
N ASP A 184 3.57 -8.95 7.24
CA ASP A 184 3.18 -7.69 6.64
C ASP A 184 3.14 -7.86 5.13
N SER A 185 3.87 -8.86 4.63
CA SER A 185 3.94 -9.14 3.19
C SER A 185 2.59 -8.98 2.49
N GLY A 186 2.56 -8.35 1.31
CA GLY A 186 1.29 -8.10 0.60
C GLY A 186 0.57 -6.82 0.97
N GLY A 187 0.98 -6.22 2.09
CA GLY A 187 0.25 -5.06 2.62
C GLY A 187 0.72 -3.76 1.99
N PRO A 188 0.13 -2.65 2.42
CA PRO A 188 0.31 -1.35 1.80
C PRO A 188 1.63 -0.67 2.14
N HIS A 189 2.23 -0.06 1.14
CA HIS A 189 3.15 1.03 1.34
C HIS A 189 2.46 2.22 0.65
N VAL A 190 2.20 3.29 1.40
CA VAL A 190 1.47 4.42 0.84
C VAL A 190 2.32 5.65 1.04
N THR A 191 2.13 6.64 0.18
CA THR A 191 2.88 7.87 0.35
C THR A 191 1.89 9.01 0.49
N ARG A 192 2.11 9.88 1.48
CA ARG A 192 1.22 10.98 1.79
C ARG A 192 1.52 12.17 0.89
N PHE A 193 0.50 12.78 0.29
CA PHE A 193 0.71 14.06 -0.38
C PHE A 193 -0.44 14.98 0.03
N LYS A 194 -0.16 16.08 0.70
CA LYS A 194 -1.24 16.98 1.14
C LYS A 194 -2.44 16.26 1.76
N ASP A 195 -2.18 15.48 2.79
CA ASP A 195 -3.23 14.73 3.50
C ASP A 195 -4.03 13.68 2.70
N THR A 196 -3.51 13.26 1.55
CA THR A 196 -4.14 12.15 0.81
C THR A 196 -3.05 11.10 0.64
N TYR A 197 -3.42 9.84 0.85
CA TYR A 197 -2.48 8.72 0.78
C TYR A 197 -2.64 7.92 -0.50
N PHE A 198 -1.52 7.73 -1.22
CA PHE A 198 -1.51 7.09 -2.52
C PHE A 198 -0.73 5.81 -2.44
N VAL A 199 -1.20 4.76 -3.10
CA VAL A 199 -0.48 3.48 -3.07
C VAL A 199 0.82 3.60 -3.85
N THR A 200 1.93 3.28 -3.19
CA THR A 200 3.22 3.35 -3.85
C THR A 200 3.97 2.04 -3.85
N GLY A 201 3.60 1.13 -2.96
CA GLY A 201 4.31 -0.13 -2.89
C GLY A 201 3.50 -1.25 -2.28
N ILE A 202 3.99 -2.47 -2.48
CA ILE A 202 3.48 -3.67 -1.83
C ILE A 202 4.63 -4.31 -1.05
N VAL A 203 4.42 -4.61 0.24
CA VAL A 203 5.44 -5.28 1.05
C VAL A 203 5.82 -6.59 0.34
N SER A 204 7.08 -6.74 -0.07
CA SER A 204 7.44 -7.92 -0.87
C SER A 204 8.35 -8.94 -0.19
N TRP A 205 9.57 -8.53 0.16
CA TRP A 205 10.52 -9.44 0.82
C TRP A 205 11.62 -8.70 1.52
N GLY A 206 12.40 -9.44 2.29
CA GLY A 206 13.56 -8.89 2.91
C GLY A 206 14.43 -10.05 3.36
N GLU A 207 15.71 -9.76 3.52
CA GLU A 207 16.65 -10.71 4.10
C GLU A 207 16.60 -10.51 5.60
N GLY A 208 15.65 -11.20 6.24
CA GLY A 208 15.41 -11.01 7.65
C GLY A 208 14.50 -9.82 7.83
N CYS A 209 14.52 -9.24 9.02
CA CYS A 209 13.79 -8.00 9.29
C CYS A 209 14.66 -7.07 10.12
N ALA A 210 14.75 -5.82 9.67
CA ALA A 210 15.54 -4.79 10.35
C ALA A 210 17.00 -5.17 10.54
N ARG A 211 17.53 -6.04 9.70
CA ARG A 211 18.95 -6.32 9.76
C ARG A 211 19.81 -5.13 9.41
N LYS A 212 20.97 -5.03 10.06
CA LYS A 212 21.93 -4.01 9.70
C LYS A 212 22.44 -4.27 8.28
N GLY A 213 22.42 -3.22 7.46
CA GLY A 213 22.87 -3.28 6.07
C GLY A 213 21.85 -3.85 5.10
N LYS A 214 20.63 -4.08 5.56
CA LYS A 214 19.58 -4.57 4.68
C LYS A 214 18.36 -3.67 4.81
N TYR A 215 17.58 -3.63 3.74
CA TYR A 215 16.38 -2.80 3.65
C TYR A 215 15.16 -3.64 3.38
N GLY A 216 13.98 -3.03 3.53
CA GLY A 216 12.71 -3.67 3.17
C GLY A 216 12.55 -3.55 1.67
N ILE A 217 12.17 -4.65 1.00
CA ILE A 217 11.98 -4.60 -0.45
C ILE A 217 10.49 -4.64 -0.82
N TYR A 218 10.10 -3.74 -1.73
CA TYR A 218 8.70 -3.47 -2.02
C TYR A 218 8.48 -3.56 -3.52
N THR A 219 7.28 -4.03 -3.89
CA THR A 219 6.89 -4.02 -5.29
C THR A 219 6.66 -2.58 -5.68
N LYS A 220 7.27 -2.17 -6.79
CA LYS A 220 7.18 -0.77 -7.24
C LYS A 220 5.85 -0.57 -7.97
N VAL A 221 4.88 0.02 -7.29
CA VAL A 221 3.53 0.01 -7.85
C VAL A 221 3.43 0.87 -9.10
N THR A 222 4.30 1.87 -9.23
CA THR A 222 4.29 2.70 -10.44
C THR A 222 4.48 1.86 -11.70
N ALA A 223 5.24 0.77 -11.58
CA ALA A 223 5.54 -0.05 -12.75
C ALA A 223 4.32 -0.85 -13.21
N PHE A 224 3.31 -0.89 -12.33
CA PHE A 224 2.12 -1.73 -12.52
C PHE A 224 0.79 -1.01 -12.53
N LEU A 225 0.81 0.31 -12.67
CA LEU A 225 -0.44 1.06 -12.63
C LEU A 225 -1.38 0.72 -13.80
N LYS A 226 -0.85 0.62 -15.01
CA LYS A 226 -1.71 0.23 -16.10
C LYS A 226 -2.19 -1.22 -15.91
N TRP A 227 -1.31 -2.07 -15.39
CA TRP A 227 -1.69 -3.47 -15.12
C TRP A 227 -2.80 -3.59 -14.08
N ILE A 228 -2.74 -2.78 -13.03
CA ILE A 228 -3.80 -2.78 -12.02
C ILE A 228 -5.14 -2.31 -12.65
N ASP A 229 -5.09 -1.26 -13.44
CA ASP A 229 -6.30 -0.77 -14.08
C ASP A 229 -6.94 -1.88 -14.93
N ARG A 230 -6.13 -2.58 -15.71
CA ARG A 230 -6.67 -3.64 -16.55
C ARG A 230 -7.21 -4.77 -15.71
N SER A 231 -6.49 -5.12 -14.64
CA SER A 231 -6.94 -6.21 -13.77
C SER A 231 -8.27 -5.88 -13.11
N MET A 232 -8.51 -4.60 -12.86
CA MET A 232 -9.74 -4.18 -12.21
C MET A 232 -10.86 -3.94 -13.25
N LYS A 233 -10.52 -4.21 -14.51
CA LYS A 233 -11.41 -4.01 -15.67
C LYS A 233 -11.88 -2.58 -15.79
N THR A 234 -13.03 -2.28 -16.11
N LYS B 2 3.16 28.64 -14.41
CA LYS B 2 3.35 27.59 -13.38
C LYS B 2 4.15 26.36 -13.86
N LEU B 3 4.79 25.71 -12.90
CA LEU B 3 5.52 24.47 -13.12
C LEU B 3 5.08 23.50 -12.04
N CYS B 4 5.03 22.22 -12.37
CA CYS B 4 4.64 21.23 -11.35
C CYS B 4 5.72 21.07 -10.26
N SER B 5 6.92 21.52 -10.58
CA SER B 5 8.05 21.41 -9.66
C SER B 5 8.07 22.45 -8.57
N LEU B 6 7.17 23.41 -8.65
CA LEU B 6 7.05 24.40 -7.58
C LEU B 6 5.64 24.37 -7.01
N ASP B 7 5.55 23.94 -5.75
CA ASP B 7 4.27 23.78 -5.05
C ASP B 7 3.29 22.93 -5.83
N ASN B 8 3.82 21.97 -6.57
CA ASN B 8 2.96 21.02 -7.35
C ASN B 8 1.98 21.78 -8.26
N GLY B 9 2.42 22.92 -8.81
CA GLY B 9 1.59 23.72 -9.74
C GLY B 9 0.34 24.25 -9.05
N ASP B 10 0.37 24.23 -7.72
CA ASP B 10 -0.73 24.61 -6.82
C ASP B 10 -1.89 23.61 -6.81
N CYS B 11 -1.64 22.41 -7.38
CA CYS B 11 -2.66 21.40 -7.51
C CYS B 11 -2.75 20.64 -6.20
N ASP B 12 -3.95 20.25 -5.82
CA ASP B 12 -4.15 19.38 -4.64
C ASP B 12 -3.57 17.97 -4.82
N GLN B 13 -3.71 17.44 -6.03
CA GLN B 13 -3.31 16.06 -6.36
C GLN B 13 -2.44 16.07 -7.58
N PHE B 14 -2.91 15.52 -8.69
CA PHE B 14 -2.05 15.39 -9.89
C PHE B 14 -1.79 16.72 -10.56
N CYS B 15 -0.53 16.90 -10.96
CA CYS B 15 -0.11 18.02 -11.78
C CYS B 15 0.60 17.51 -13.04
N HIS B 16 0.27 18.14 -14.18
CA HIS B 16 1.01 17.90 -15.43
C HIS B 16 1.19 19.23 -16.15
N GLU B 17 2.28 19.36 -16.89
CA GLU B 17 2.53 20.53 -17.73
C GLU B 17 2.13 20.17 -19.16
N GLU B 18 0.92 20.53 -19.61
CA GLU B 18 0.39 20.11 -20.93
C GLU B 18 0.18 21.26 -21.93
N GLN B 19 0.46 21.00 -23.22
CA GLN B 19 0.61 22.09 -24.20
C GLN B 19 1.40 23.23 -23.55
N ASN B 20 2.52 22.87 -22.93
CA ASN B 20 3.37 23.82 -22.22
C ASN B 20 2.61 24.64 -21.18
N SER B 21 1.64 24.01 -20.52
CA SER B 21 0.87 24.68 -19.45
C SER B 21 0.38 23.73 -18.35
N VAL B 22 0.42 24.18 -17.09
CA VAL B 22 0.02 23.30 -15.97
C VAL B 22 -1.47 22.97 -15.91
N VAL B 23 -1.77 21.68 -15.81
CA VAL B 23 -3.14 21.22 -15.65
C VAL B 23 -3.22 20.31 -14.44
N CYS B 24 -4.15 20.60 -13.53
CA CYS B 24 -4.35 19.74 -12.35
C CYS B 24 -5.42 18.67 -12.63
N SER B 25 -5.36 17.57 -11.88
CA SER B 25 -6.40 16.56 -11.94
C SER B 25 -6.49 15.79 -10.65
N CYS B 26 -7.42 14.86 -10.57
CA CYS B 26 -7.74 14.23 -9.28
C CYS B 26 -7.97 12.76 -9.47
N ALA B 27 -7.82 12.01 -8.40
CA ALA B 27 -8.12 10.57 -8.44
C ALA B 27 -9.60 10.34 -8.62
N ARG B 28 -9.94 9.13 -9.01
CA ARG B 28 -11.35 8.72 -9.04
C ARG B 28 -12.00 8.91 -7.65
N GLY B 29 -13.21 9.49 -7.63
CA GLY B 29 -13.89 9.79 -6.35
C GLY B 29 -13.75 11.24 -5.92
N TYR B 30 -13.09 12.02 -6.77
CA TYR B 30 -12.91 13.45 -6.50
C TYR B 30 -13.24 14.18 -7.78
N THR B 31 -13.70 15.43 -7.66
CA THR B 31 -13.93 16.24 -8.85
C THR B 31 -13.06 17.47 -8.74
N LEU B 32 -12.42 17.84 -9.83
CA LEU B 32 -11.56 19.04 -9.81
C LEU B 32 -12.46 20.26 -9.64
N ALA B 33 -12.08 21.10 -8.67
CA ALA B 33 -12.83 22.30 -8.33
C ALA B 33 -12.86 23.31 -9.46
N ASP B 34 -13.76 24.28 -9.31
CA ASP B 34 -13.89 25.33 -10.32
C ASP B 34 -12.58 26.12 -10.46
N ASN B 35 -11.83 26.25 -9.37
CA ASN B 35 -10.56 27.03 -9.43
C ASN B 35 -9.45 26.26 -10.18
N GLY B 36 -9.75 25.01 -10.55
CA GLY B 36 -8.87 24.16 -11.34
C GLY B 36 -7.67 23.63 -10.56
N LYS B 37 -7.69 23.76 -9.23
CA LYS B 37 -6.56 23.36 -8.39
C LYS B 37 -7.02 22.32 -7.37
N ALA B 38 -8.12 22.61 -6.66
CA ALA B 38 -8.52 21.77 -5.54
C ALA B 38 -9.22 20.50 -5.99
N CYS B 39 -9.18 19.47 -5.15
CA CYS B 39 -9.88 18.21 -5.43
C CYS B 39 -10.99 18.00 -4.41
N ILE B 40 -12.22 17.84 -4.90
CA ILE B 40 -13.39 17.78 -4.02
C ILE B 40 -13.93 16.37 -3.96
N PRO B 41 -13.98 15.76 -2.77
CA PRO B 41 -14.50 14.40 -2.68
C PRO B 41 -15.96 14.40 -3.10
N THR B 42 -16.38 13.35 -3.79
CA THR B 42 -17.77 13.22 -4.22
C THR B 42 -18.55 12.30 -3.30
N GLY B 43 -17.86 11.72 -2.32
CA GLY B 43 -18.46 10.75 -1.40
C GLY B 43 -17.87 10.90 -0.03
N PRO B 44 -18.44 10.21 0.97
CA PRO B 44 -17.99 10.27 2.35
C PRO B 44 -16.72 9.47 2.65
N TYR B 45 -16.36 8.53 1.77
CA TYR B 45 -15.11 7.76 1.93
C TYR B 45 -14.23 7.75 0.68
N PRO B 46 -13.78 8.95 0.26
CA PRO B 46 -12.93 9.10 -0.92
C PRO B 46 -11.60 8.42 -0.67
N CYS B 47 -11.02 7.88 -1.72
CA CYS B 47 -9.74 7.19 -1.55
C CYS B 47 -8.72 8.08 -0.86
N GLY B 48 -7.87 7.44 -0.08
CA GLY B 48 -6.68 8.09 0.45
C GLY B 48 -6.92 9.02 1.61
N LYS B 49 -8.16 9.15 2.06
CA LYS B 49 -8.44 9.90 3.30
C LYS B 49 -8.60 9.01 4.53
N GLN B 50 -7.93 9.38 5.60
CA GLN B 50 -8.12 8.68 6.84
C GLN B 50 -9.57 8.89 7.31
N THR B 51 -10.11 7.91 8.01
CA THR B 51 -11.50 8.02 8.46
C THR B 51 -11.55 8.63 9.88
N LEU B 52 -11.49 9.96 9.95
CA LEU B 52 -11.28 10.61 11.24
C LEU B 52 -12.56 11.21 11.81
N GLU B 53 -13.43 11.68 10.93
CA GLU B 53 -14.77 12.12 11.34
C GLU B 53 -15.68 10.90 11.41
N ARG B 54 -16.13 10.53 12.61
CA ARG B 54 -17.18 9.53 12.71
C ARG B 54 -18.46 10.08 12.10
N ARG B 55 -19.13 9.27 11.30
CA ARG B 55 -20.38 9.69 10.69
C ARG B 55 -21.58 9.17 11.48
#